data_8W5H
#
_entry.id   8W5H
#
_cell.length_a   1.00
_cell.length_b   1.00
_cell.length_c   1.00
_cell.angle_alpha   90.00
_cell.angle_beta   90.00
_cell.angle_gamma   90.00
#
_symmetry.space_group_name_H-M   'P 1'
#
loop_
_entity.id
_entity.type
_entity.pdbx_description
1 polymer 'Minor capsid protein A1'
2 polymer 'Heavy chain of Ab10'
3 polymer 'Light chain of Ab10'
#
loop_
_entity_poly.entity_id
_entity_poly.type
_entity_poly.pdbx_seq_one_letter_code
_entity_poly.pdbx_strand_id
1 'polypeptide(L)'
;MAKLETVTLGNIGKDGKQTLVLNPRGVNPTNGVASLSQAGAVPALEKRVTVSVSQPSRNRKNYKVQVKIQNPTACTANGS
CDPSVTRQAYADVTFSFTQYSTDEERAFVRTELAALLASPLLIDAIDQLNPAY
;
A,B,C
2 'polypeptide(L)'
;VHSEVQLQESGGGLVQPGGSLSLSCAASGFTFTDYYMSWVRQPPGKALEWLGFIRIKANSYTTEYSASVKGRFTISRDNS
QSILYLQMNALRAEDSATYYCARSPDYYGGYYFDYWGQVTTLTVSSA
;
H
3 'polypeptide(L)'
;VHSDIQMTQTTSSLSASLGDRVTITCRASQVISNYLNWYQQKPDGTVKLLIYYTSRLHSGVPSRFSGSGSGTDYSLTISN
LEQEDIATYFCQQGNTLPYTFGGGTKLEIK
;
L
#
# COMPACT_ATOMS: atom_id res chain seq x y z
N ALA A 2 16.36 9.49 -29.89
CA ALA A 2 16.22 8.18 -29.28
C ALA A 2 16.44 7.07 -30.30
N LYS A 3 17.46 6.28 -30.09
CA LYS A 3 17.76 5.14 -30.95
C LYS A 3 17.03 3.92 -30.42
N LEU A 4 16.19 3.29 -31.26
CA LEU A 4 15.55 2.04 -30.88
C LEU A 4 16.58 0.94 -30.73
N GLU A 5 16.80 0.50 -29.50
CA GLU A 5 17.74 -0.57 -29.22
C GLU A 5 17.02 -1.66 -28.44
N THR A 6 17.77 -2.64 -27.95
CA THR A 6 17.20 -3.63 -27.04
C THR A 6 17.05 -3.01 -25.66
N VAL A 7 15.92 -3.26 -25.03
CA VAL A 7 15.61 -2.74 -23.71
C VAL A 7 15.58 -3.92 -22.75
N THR A 8 16.50 -3.94 -21.79
CA THR A 8 16.56 -4.98 -20.78
C THR A 8 16.04 -4.42 -19.46
N LEU A 9 15.06 -5.09 -18.88
CA LEU A 9 14.43 -4.67 -17.63
C LEU A 9 14.67 -5.76 -16.61
N GLY A 10 15.54 -5.50 -15.66
CA GLY A 10 15.83 -6.42 -14.60
C GLY A 10 15.10 -6.07 -13.32
N ASN A 11 14.90 -7.10 -12.49
CA ASN A 11 14.29 -7.00 -11.17
C ASN A 11 12.86 -6.46 -11.23
N ILE A 12 12.06 -7.04 -12.12
CA ILE A 12 10.66 -6.66 -12.22
C ILE A 12 9.82 -7.86 -11.82
N GLY A 13 8.51 -7.68 -11.78
CA GLY A 13 7.63 -8.70 -11.24
C GLY A 13 7.38 -8.49 -9.76
N LYS A 14 6.53 -9.36 -9.22
CA LYS A 14 6.11 -9.23 -7.83
C LYS A 14 7.24 -9.59 -6.88
N ASP A 15 8.03 -10.60 -7.24
CA ASP A 15 9.15 -11.03 -6.41
C ASP A 15 10.43 -10.26 -6.67
N GLY A 16 10.51 -9.51 -7.76
CA GLY A 16 11.72 -8.78 -8.06
C GLY A 16 12.85 -9.65 -8.57
N LYS A 17 12.54 -10.69 -9.33
CA LYS A 17 13.54 -11.59 -9.88
C LYS A 17 13.49 -11.71 -11.38
N GLN A 18 12.31 -11.66 -11.99
CA GLN A 18 12.16 -11.84 -13.43
C GLN A 18 12.77 -10.66 -14.19
N THR A 19 13.16 -10.94 -15.43
CA THR A 19 13.66 -9.92 -16.34
C THR A 19 12.80 -9.91 -17.60
N LEU A 20 13.09 -8.94 -18.46
CA LEU A 20 12.33 -8.78 -19.69
C LEU A 20 13.21 -8.09 -20.73
N VAL A 21 13.50 -8.78 -21.82
CA VAL A 21 14.30 -8.27 -22.92
C VAL A 21 13.37 -7.97 -24.10
N LEU A 22 13.40 -6.74 -24.58
CA LEU A 22 12.52 -6.24 -25.63
C LEU A 22 13.35 -5.81 -26.82
N ASN A 23 12.96 -6.24 -27.97
CA ASN A 23 13.59 -5.95 -29.26
C ASN A 23 12.76 -4.96 -30.06
N PRO A 24 13.39 -4.07 -30.82
CA PRO A 24 12.62 -3.09 -31.59
C PRO A 24 11.91 -3.70 -32.78
N ARG A 25 10.79 -3.09 -33.15
CA ARG A 25 9.97 -3.55 -34.24
C ARG A 25 9.69 -2.44 -35.24
N GLY A 26 10.48 -1.38 -35.20
CA GLY A 26 10.37 -0.30 -36.17
C GLY A 26 9.18 0.61 -35.90
N VAL A 27 9.17 1.70 -36.60
CA VAL A 27 8.09 2.66 -36.48
C VAL A 27 7.02 2.35 -37.52
N ASN A 28 5.78 2.66 -37.18
CA ASN A 28 4.68 2.46 -38.08
C ASN A 28 4.49 3.74 -38.89
N PRO A 29 4.70 3.75 -40.20
CA PRO A 29 4.72 5.01 -40.95
C PRO A 29 3.37 5.66 -41.12
N THR A 30 2.27 5.02 -40.73
CA THR A 30 0.98 5.68 -40.77
C THR A 30 0.83 6.66 -39.61
N ASN A 31 1.24 6.26 -38.41
CA ASN A 31 1.05 7.06 -37.21
C ASN A 31 2.29 7.29 -36.38
N GLY A 32 3.46 6.82 -36.80
CA GLY A 32 4.69 7.14 -36.12
C GLY A 32 4.89 6.48 -34.78
N VAL A 33 4.19 5.39 -34.51
CA VAL A 33 4.27 4.72 -33.22
C VAL A 33 5.39 3.69 -33.28
N ALA A 34 6.45 3.93 -32.50
CA ALA A 34 7.48 2.91 -32.33
C ALA A 34 6.94 1.74 -31.53
N SER A 35 7.49 0.56 -31.79
CA SER A 35 7.06 -0.66 -31.14
C SER A 35 8.25 -1.42 -30.60
N LEU A 36 7.99 -2.32 -29.65
CA LEU A 36 8.97 -3.24 -29.11
C LEU A 36 8.26 -4.51 -28.69
N SER A 37 8.94 -5.64 -28.81
CA SER A 37 8.33 -6.93 -28.50
C SER A 37 9.29 -7.77 -27.67
N GLN A 38 8.84 -8.96 -27.33
CA GLN A 38 9.56 -9.85 -26.44
C GLN A 38 10.59 -10.65 -27.22
N ALA A 39 11.78 -10.81 -26.65
CA ALA A 39 12.79 -11.68 -27.24
C ALA A 39 12.39 -13.14 -27.08
N GLY A 40 12.88 -13.96 -28.00
CA GLY A 40 12.07 -15.07 -28.40
C GLY A 40 11.03 -14.46 -29.32
N ALA A 41 10.03 -15.27 -29.68
CA ALA A 41 8.60 -14.94 -29.80
C ALA A 41 7.91 -16.11 -30.47
N VAL A 42 6.58 -16.03 -30.55
CA VAL A 42 5.88 -16.27 -31.81
C VAL A 42 4.98 -15.04 -31.92
N PRO A 43 4.72 -14.53 -33.12
CA PRO A 43 3.84 -13.37 -33.25
C PRO A 43 2.43 -13.67 -32.79
N ALA A 44 1.75 -12.62 -32.35
CA ALA A 44 0.41 -12.67 -31.73
C ALA A 44 0.39 -13.55 -30.48
N LEU A 45 1.53 -13.69 -29.80
CA LEU A 45 1.55 -14.32 -28.48
C LEU A 45 2.59 -13.64 -27.59
N GLU A 46 3.15 -12.52 -27.99
CA GLU A 46 4.28 -11.89 -27.30
C GLU A 46 3.83 -10.63 -26.58
N LYS A 47 4.71 -10.10 -25.74
CA LYS A 47 4.45 -8.91 -24.94
C LYS A 47 4.89 -7.67 -25.69
N ARG A 48 3.99 -6.69 -25.85
CA ARG A 48 4.25 -5.55 -26.72
C ARG A 48 4.26 -4.24 -25.95
N VAL A 49 5.14 -3.32 -26.39
CA VAL A 49 5.28 -1.98 -25.84
C VAL A 49 5.30 -1.00 -26.99
N THR A 50 4.35 -0.08 -27.04
CA THR A 50 4.33 0.91 -28.09
C THR A 50 4.50 2.31 -27.51
N VAL A 51 5.33 3.13 -28.15
CA VAL A 51 5.66 4.48 -27.69
C VAL A 51 5.49 5.44 -28.85
N SER A 52 4.69 6.49 -28.64
CA SER A 52 4.55 7.55 -29.64
C SER A 52 4.70 8.91 -29.00
N VAL A 53 5.12 9.88 -29.81
CA VAL A 53 5.30 11.27 -29.40
C VAL A 53 4.63 12.16 -30.44
N SER A 54 3.70 13.00 -30.00
CA SER A 54 2.88 13.80 -30.88
C SER A 54 3.08 15.28 -30.59
N GLN A 55 3.22 16.07 -31.68
CA GLN A 55 3.50 17.47 -31.94
C GLN A 55 2.20 18.26 -32.15
N PRO A 56 2.17 19.52 -31.72
CA PRO A 56 0.94 20.30 -31.88
C PRO A 56 0.73 20.75 -33.32
N SER A 57 -0.54 20.86 -33.68
CA SER A 57 -0.95 21.23 -35.03
C SER A 57 -2.13 22.17 -34.90
N ARG A 58 -2.86 22.38 -36.00
CA ARG A 58 -4.06 23.21 -35.93
C ARG A 58 -5.23 22.52 -35.21
N ASN A 59 -5.13 21.21 -34.96
CA ASN A 59 -6.18 20.49 -34.25
C ASN A 59 -5.90 20.39 -32.75
N ARG A 60 -4.64 20.17 -32.37
CA ARG A 60 -4.25 20.00 -30.98
C ARG A 60 -3.17 21.02 -30.61
N LYS A 61 -3.32 21.64 -29.44
CA LYS A 61 -2.49 22.76 -29.03
C LYS A 61 -1.17 22.36 -28.41
N ASN A 62 -1.05 21.15 -27.87
CA ASN A 62 0.08 20.84 -27.02
C ASN A 62 0.61 19.44 -27.29
N TYR A 63 1.84 19.21 -26.83
CA TYR A 63 2.54 17.94 -26.98
C TYR A 63 1.89 16.83 -26.17
N LYS A 64 2.04 15.61 -26.68
CA LYS A 64 1.42 14.44 -26.07
C LYS A 64 2.32 13.23 -26.25
N VAL A 65 2.83 12.67 -25.16
CA VAL A 65 3.66 11.48 -25.19
C VAL A 65 2.83 10.30 -24.69
N GLN A 66 2.71 9.25 -25.50
CA GLN A 66 1.77 8.18 -25.17
C GLN A 66 2.43 6.81 -25.25
N VAL A 67 2.26 6.00 -24.21
CA VAL A 67 2.82 4.66 -24.10
C VAL A 67 1.68 3.67 -23.87
N LYS A 68 1.60 2.65 -24.70
CA LYS A 68 0.58 1.60 -24.59
C LYS A 68 1.29 0.25 -24.54
N ILE A 69 1.22 -0.43 -23.40
CA ILE A 69 1.82 -1.76 -23.27
C ILE A 69 0.71 -2.79 -23.06
N GLN A 70 0.85 -3.94 -23.73
CA GLN A 70 -0.12 -5.00 -23.57
C GLN A 70 0.61 -6.33 -23.46
N ASN A 71 0.05 -7.23 -22.64
CA ASN A 71 0.62 -8.55 -22.60
C ASN A 71 -0.41 -9.65 -22.33
N PRO A 72 -0.37 -10.74 -23.10
CA PRO A 72 -1.39 -11.78 -23.02
C PRO A 72 -0.96 -12.96 -22.17
N THR A 73 -1.96 -13.79 -21.86
CA THR A 73 -1.77 -15.03 -21.12
C THR A 73 -2.13 -16.20 -22.02
N ALA A 74 -1.20 -17.13 -22.17
CA ALA A 74 -1.34 -18.23 -23.11
C ALA A 74 -1.71 -19.51 -22.37
N CYS A 75 -2.71 -20.22 -22.89
CA CYS A 75 -3.13 -21.50 -22.35
C CYS A 75 -3.00 -22.56 -23.43
N THR A 76 -2.11 -23.52 -23.21
CA THR A 76 -1.93 -24.63 -24.15
C THR A 76 -3.13 -25.57 -24.07
N ALA A 77 -3.99 -25.54 -25.08
CA ALA A 77 -5.18 -26.36 -25.10
C ALA A 77 -4.82 -27.82 -25.40
N ASN A 78 -5.84 -28.68 -25.34
CA ASN A 78 -5.64 -30.11 -25.52
C ASN A 78 -5.86 -30.48 -26.97
N GLY A 79 -5.00 -31.35 -27.49
CA GLY A 79 -5.07 -31.75 -28.88
C GLY A 79 -4.65 -30.67 -29.85
N SER A 80 -3.98 -29.63 -29.38
CA SER A 80 -3.55 -28.52 -30.21
C SER A 80 -2.04 -28.38 -30.13
N CYS A 81 -1.46 -27.88 -31.21
CA CYS A 81 -0.02 -27.68 -31.31
C CYS A 81 0.40 -26.24 -31.05
N ASP A 82 -0.54 -25.31 -31.03
CA ASP A 82 -0.27 -23.90 -30.84
C ASP A 82 -1.07 -23.35 -29.68
N PRO A 83 -0.46 -22.62 -28.74
CA PRO A 83 -1.22 -22.04 -27.65
C PRO A 83 -2.09 -20.90 -28.13
N SER A 84 -3.12 -20.59 -27.34
CA SER A 84 -4.06 -19.55 -27.68
C SER A 84 -4.04 -18.47 -26.61
N VAL A 85 -4.53 -17.28 -26.96
CA VAL A 85 -4.59 -16.17 -26.02
C VAL A 85 -5.91 -16.24 -25.25
N THR A 86 -5.79 -16.30 -23.93
CA THR A 86 -6.97 -16.42 -23.07
C THR A 86 -7.44 -15.05 -22.61
N ARG A 87 -6.59 -14.33 -21.90
CA ARG A 87 -6.90 -13.01 -21.39
C ARG A 87 -5.68 -12.12 -21.63
N GLN A 88 -5.91 -10.81 -21.55
CA GLN A 88 -4.88 -9.82 -21.83
C GLN A 88 -4.90 -8.74 -20.76
N ALA A 89 -3.72 -8.17 -20.50
CA ALA A 89 -3.59 -7.09 -19.54
C ALA A 89 -2.99 -5.88 -20.21
N TYR A 90 -3.54 -4.71 -19.91
CA TYR A 90 -3.17 -3.48 -20.57
C TYR A 90 -2.58 -2.50 -19.58
N ALA A 91 -1.92 -1.49 -20.13
CA ALA A 91 -1.56 -0.27 -19.42
C ALA A 91 -1.29 0.78 -20.49
N ASP A 92 -1.67 2.03 -20.23
CA ASP A 92 -1.35 3.10 -21.17
C ASP A 92 -1.27 4.43 -20.45
N VAL A 93 -0.11 5.05 -20.55
CA VAL A 93 0.16 6.35 -19.97
C VAL A 93 0.11 7.41 -21.06
N THR A 94 -0.63 8.47 -20.83
CA THR A 94 -0.59 9.64 -21.71
C THR A 94 -0.14 10.85 -20.91
N PHE A 95 1.00 11.41 -21.29
CA PHE A 95 1.51 12.67 -20.79
C PHE A 95 1.11 13.79 -21.72
N SER A 96 0.75 14.94 -21.16
CA SER A 96 0.37 16.10 -21.95
C SER A 96 1.12 17.31 -21.44
N PHE A 97 1.85 17.98 -22.33
CA PHE A 97 2.68 19.12 -21.94
C PHE A 97 2.51 20.26 -22.93
N THR A 98 2.46 21.48 -22.43
CA THR A 98 2.33 22.64 -23.31
C THR A 98 3.65 22.95 -24.00
N GLN A 99 3.63 23.95 -24.86
CA GLN A 99 4.79 24.32 -25.65
C GLN A 99 5.77 25.21 -24.91
N TYR A 100 5.48 25.56 -23.65
CA TYR A 100 6.36 26.41 -22.86
C TYR A 100 6.96 25.70 -21.66
N SER A 101 6.72 24.40 -21.53
CA SER A 101 7.25 23.61 -20.42
C SER A 101 8.74 23.38 -20.58
N THR A 102 9.44 23.28 -19.46
CA THR A 102 10.88 23.11 -19.47
C THR A 102 11.24 21.65 -19.21
N ASP A 103 12.54 21.38 -19.20
CA ASP A 103 13.05 20.02 -19.08
C ASP A 103 12.82 19.47 -17.67
N GLU A 104 13.07 20.31 -16.66
CA GLU A 104 12.96 19.90 -15.27
C GLU A 104 11.52 19.51 -14.90
N GLU A 105 10.54 20.22 -15.46
CA GLU A 105 9.13 19.92 -15.21
C GLU A 105 8.72 18.55 -15.74
N ARG A 106 9.14 18.23 -16.96
CA ARG A 106 8.71 16.99 -17.58
C ARG A 106 9.47 15.80 -16.97
N ALA A 107 10.74 16.01 -16.62
CA ALA A 107 11.47 15.00 -15.86
C ALA A 107 10.88 14.79 -14.48
N PHE A 108 10.33 15.85 -13.89
CA PHE A 108 9.64 15.72 -12.62
C PHE A 108 8.37 14.90 -12.74
N VAL A 109 7.60 15.10 -13.82
CA VAL A 109 6.37 14.32 -14.01
C VAL A 109 6.69 12.85 -14.25
N ARG A 110 7.71 12.58 -15.07
CA ARG A 110 8.16 11.21 -15.33
C ARG A 110 8.64 10.51 -14.06
N THR A 111 9.50 11.19 -13.29
CA THR A 111 10.06 10.61 -12.07
C THR A 111 9.01 10.47 -10.98
N GLU A 112 8.06 11.41 -10.90
CA GLU A 112 6.96 11.30 -9.96
C GLU A 112 6.08 10.12 -10.26
N LEU A 113 5.80 9.87 -11.53
CA LEU A 113 4.96 8.73 -11.88
C LEU A 113 5.68 7.41 -11.61
N ALA A 114 6.96 7.32 -11.96
CA ALA A 114 7.71 6.09 -11.69
C ALA A 114 7.91 5.85 -10.20
N ALA A 115 8.00 6.92 -9.40
CA ALA A 115 8.08 6.75 -7.96
C ALA A 115 6.74 6.40 -7.34
N LEU A 116 5.63 6.88 -7.92
CA LEU A 116 4.32 6.50 -7.40
C LEU A 116 3.95 5.08 -7.77
N LEU A 117 4.50 4.54 -8.85
CA LEU A 117 4.18 3.12 -9.08
C LEU A 117 4.90 2.17 -8.12
N ALA A 118 5.62 2.58 -7.08
CA ALA A 118 6.25 1.68 -6.14
C ALA A 118 5.86 1.94 -4.69
N SER A 119 4.87 2.79 -4.45
CA SER A 119 4.30 3.08 -3.15
C SER A 119 3.25 2.04 -2.79
N PRO A 120 3.06 1.72 -1.50
CA PRO A 120 2.08 0.69 -1.14
C PRO A 120 0.64 1.08 -1.41
N LEU A 121 0.37 2.38 -1.59
CA LEU A 121 -0.91 2.82 -2.12
C LEU A 121 -1.17 2.21 -3.49
N LEU A 122 -0.18 2.28 -4.39
CA LEU A 122 -0.38 1.68 -5.71
C LEU A 122 -0.12 0.17 -5.73
N ILE A 123 0.76 -0.32 -4.85
CA ILE A 123 0.97 -1.77 -4.74
C ILE A 123 -0.32 -2.44 -4.27
N ASP A 124 -1.05 -1.80 -3.38
CA ASP A 124 -2.35 -2.32 -2.98
C ASP A 124 -3.49 -1.89 -3.88
N ALA A 125 -3.31 -0.91 -4.75
CA ALA A 125 -4.39 -0.63 -5.69
C ALA A 125 -4.34 -1.50 -6.93
N ILE A 126 -3.16 -1.96 -7.34
CA ILE A 126 -3.01 -2.65 -8.62
C ILE A 126 -2.89 -4.16 -8.44
N ASP A 127 -2.08 -4.62 -7.48
CA ASP A 127 -1.87 -6.06 -7.32
C ASP A 127 -3.11 -6.74 -6.76
N GLN A 128 -3.50 -6.39 -5.54
CA GLN A 128 -4.88 -6.59 -5.12
C GLN A 128 -5.68 -5.42 -5.65
N LEU A 129 -6.93 -5.67 -6.00
CA LEU A 129 -7.73 -4.62 -6.61
C LEU A 129 -8.62 -3.93 -5.60
N ASN A 130 -8.04 -3.38 -4.54
CA ASN A 130 -8.87 -2.69 -3.57
C ASN A 130 -8.45 -1.24 -3.37
N PRO A 131 -9.40 -0.29 -3.44
CA PRO A 131 -9.04 1.14 -3.38
C PRO A 131 -8.57 1.62 -2.02
N ALA A 132 -8.29 2.91 -1.95
CA ALA A 132 -7.85 3.54 -0.70
C ALA A 132 -9.06 3.93 0.12
N TYR A 133 -9.05 3.57 1.40
CA TYR A 133 -10.15 3.88 2.29
C TYR A 133 -9.72 4.85 3.39
N ALA B 2 -5.21 0.10 0.17
CA ALA B 2 -4.62 0.36 1.47
C ALA B 2 -5.29 1.54 2.13
N LYS B 3 -4.59 2.14 3.08
CA LYS B 3 -5.07 3.31 3.81
C LYS B 3 -4.31 4.55 3.35
N LEU B 4 -5.02 5.65 3.17
CA LEU B 4 -4.41 6.90 2.75
C LEU B 4 -3.50 7.44 3.85
N GLU B 5 -2.21 7.47 3.58
CA GLU B 5 -1.22 8.05 4.47
C GLU B 5 -0.46 9.13 3.71
N THR B 6 0.43 9.82 4.42
CA THR B 6 1.30 10.77 3.74
C THR B 6 2.37 10.02 2.95
N VAL B 7 2.54 10.40 1.71
CA VAL B 7 3.49 9.76 0.81
C VAL B 7 4.60 10.75 0.59
N THR B 8 5.78 10.49 1.14
CA THR B 8 6.94 11.26 0.72
C THR B 8 7.54 10.53 -0.47
N LEU B 9 8.21 11.29 -1.32
CA LEU B 9 8.84 10.73 -2.51
C LEU B 9 10.17 11.44 -2.65
N GLY B 10 11.22 10.82 -2.17
CA GLY B 10 12.55 11.37 -2.31
C GLY B 10 13.23 10.87 -3.55
N ASN B 11 14.36 11.51 -3.87
CA ASN B 11 15.17 11.23 -5.06
C ASN B 11 14.34 11.39 -6.33
N ILE B 12 13.57 12.46 -6.38
CA ILE B 12 12.67 12.75 -7.48
C ILE B 12 13.30 13.87 -8.29
N GLY B 13 12.83 14.03 -9.51
CA GLY B 13 13.33 15.09 -10.37
C GLY B 13 14.30 14.58 -11.41
N LYS B 14 14.96 15.54 -12.06
CA LYS B 14 15.88 15.19 -13.13
C LYS B 14 17.22 14.72 -12.59
N ASP B 15 17.69 15.34 -11.51
CA ASP B 15 18.95 14.95 -10.90
C ASP B 15 18.80 13.92 -9.79
N GLY B 16 17.67 13.92 -9.10
CA GLY B 16 17.44 13.00 -8.02
C GLY B 16 17.72 13.53 -6.64
N LYS B 17 17.62 14.84 -6.43
CA LYS B 17 17.86 15.43 -5.11
C LYS B 17 16.68 16.26 -4.64
N GLN B 18 15.50 16.04 -5.19
CA GLN B 18 14.29 16.72 -4.76
C GLN B 18 13.39 15.74 -4.03
N THR B 19 12.47 16.27 -3.24
CA THR B 19 11.46 15.47 -2.56
C THR B 19 10.08 16.06 -2.83
N LEU B 20 9.07 15.23 -2.64
CA LEU B 20 7.68 15.65 -2.76
C LEU B 20 6.86 14.93 -1.71
N VAL B 21 6.30 15.66 -0.75
CA VAL B 21 5.41 15.09 0.25
C VAL B 21 3.98 15.35 -0.16
N LEU B 22 3.12 14.35 0.04
CA LEU B 22 1.71 14.45 -0.31
C LEU B 22 0.90 14.01 0.89
N ASN B 23 -0.07 14.83 1.28
CA ASN B 23 -1.02 14.71 2.37
C ASN B 23 -2.38 14.24 1.87
N PRO B 24 -3.05 13.40 2.65
CA PRO B 24 -4.35 12.90 2.24
C PRO B 24 -5.42 13.98 2.24
N ARG B 25 -6.34 13.87 1.30
CA ARG B 25 -7.43 14.82 1.15
C ARG B 25 -8.79 14.15 1.22
N GLY B 26 -8.84 12.82 1.32
CA GLY B 26 -10.08 12.11 1.45
C GLY B 26 -10.48 11.40 0.16
N VAL B 27 -11.54 10.60 0.28
CA VAL B 27 -12.09 9.84 -0.82
C VAL B 27 -13.43 10.45 -1.20
N ASN B 28 -13.61 10.74 -2.46
CA ASN B 28 -14.85 11.32 -2.93
C ASN B 28 -15.94 10.26 -2.93
N PRO B 29 -17.10 10.52 -2.33
CA PRO B 29 -18.16 9.50 -2.34
C PRO B 29 -18.83 9.33 -3.69
N THR B 30 -18.99 10.40 -4.47
CA THR B 30 -19.79 10.34 -5.68
C THR B 30 -19.12 9.58 -6.82
N ASN B 31 -17.80 9.45 -6.80
CA ASN B 31 -17.11 8.68 -7.82
C ASN B 31 -15.97 7.81 -7.32
N GLY B 32 -15.66 7.82 -6.03
CA GLY B 32 -14.70 6.86 -5.50
C GLY B 32 -13.26 7.18 -5.82
N VAL B 33 -12.86 8.43 -5.75
CA VAL B 33 -11.54 8.88 -6.16
C VAL B 33 -10.79 9.35 -4.92
N ALA B 34 -9.77 8.59 -4.52
CA ALA B 34 -8.93 9.02 -3.43
C ALA B 34 -7.90 10.02 -3.92
N SER B 35 -7.53 10.95 -3.04
CA SER B 35 -6.72 12.09 -3.43
C SER B 35 -5.54 12.27 -2.50
N LEU B 36 -4.44 12.74 -3.07
CA LEU B 36 -3.30 13.22 -2.32
C LEU B 36 -2.92 14.58 -2.90
N SER B 37 -2.42 15.48 -2.05
CA SER B 37 -2.07 16.80 -2.53
C SER B 37 -0.90 17.36 -1.74
N GLN B 38 -0.37 18.47 -2.21
CA GLN B 38 0.77 19.11 -1.56
C GLN B 38 0.26 20.21 -0.65
N ALA B 39 0.96 20.41 0.48
CA ALA B 39 0.53 21.37 1.48
C ALA B 39 0.71 22.80 0.97
N GLY B 40 -0.36 23.57 0.98
CA GLY B 40 -0.30 24.95 0.56
C GLY B 40 -1.63 25.61 0.79
N ALA B 41 -1.60 26.94 0.88
CA ALA B 41 -2.82 27.68 1.16
C ALA B 41 -3.73 27.73 -0.06
N VAL B 42 -3.23 28.28 -1.17
CA VAL B 42 -4.06 28.47 -2.36
C VAL B 42 -4.31 27.12 -3.01
N PRO B 43 -5.57 26.77 -3.32
CA PRO B 43 -5.83 25.45 -3.93
C PRO B 43 -5.36 25.31 -5.35
N ALA B 44 -5.22 26.41 -6.10
CA ALA B 44 -4.82 26.32 -7.50
C ALA B 44 -3.35 26.02 -7.68
N LEU B 45 -2.54 26.08 -6.64
CA LEU B 45 -1.10 25.95 -6.76
C LEU B 45 -0.61 24.60 -6.22
N GLU B 46 -1.48 23.60 -6.16
CA GLU B 46 -1.17 22.34 -5.52
C GLU B 46 -0.87 21.25 -6.55
N LYS B 47 0.14 20.45 -6.25
CA LYS B 47 0.45 19.25 -7.01
C LYS B 47 -0.40 18.10 -6.50
N ARG B 48 -1.23 17.52 -7.36
CA ARG B 48 -2.22 16.58 -6.83
C ARG B 48 -2.27 15.28 -7.62
N VAL B 49 -2.48 14.18 -6.89
CA VAL B 49 -2.48 12.82 -7.42
C VAL B 49 -3.81 12.15 -7.04
N THR B 50 -4.56 11.69 -8.02
CA THR B 50 -5.88 11.10 -7.79
C THR B 50 -5.93 9.68 -8.32
N VAL B 51 -6.33 8.73 -7.47
CA VAL B 51 -6.35 7.31 -7.84
C VAL B 51 -7.74 6.74 -7.61
N SER B 52 -8.17 5.84 -8.51
CA SER B 52 -9.48 5.22 -8.38
C SER B 52 -9.50 3.89 -9.14
N VAL B 53 -10.01 2.84 -8.50
CA VAL B 53 -10.22 1.56 -9.15
C VAL B 53 -11.71 1.25 -9.21
N SER B 54 -12.20 1.03 -10.42
CA SER B 54 -13.58 0.63 -10.67
C SER B 54 -13.66 -0.86 -10.94
N GLN B 55 -14.76 -1.46 -10.52
CA GLN B 55 -15.19 -2.84 -10.55
C GLN B 55 -16.17 -3.07 -11.69
N PRO B 56 -16.26 -4.30 -12.23
CA PRO B 56 -17.12 -4.54 -13.39
C PRO B 56 -18.61 -4.44 -13.04
N SER B 57 -19.27 -3.48 -13.67
CA SER B 57 -20.73 -3.43 -13.69
C SER B 57 -21.20 -4.20 -14.93
N ARG B 58 -22.46 -4.03 -15.31
CA ARG B 58 -23.02 -4.73 -16.45
C ARG B 58 -22.72 -4.04 -17.79
N ASN B 59 -21.75 -3.14 -17.84
CA ASN B 59 -21.55 -2.35 -19.04
C ASN B 59 -20.09 -2.43 -19.50
N ARG B 60 -19.16 -2.62 -18.58
CA ARG B 60 -17.74 -2.54 -18.89
C ARG B 60 -17.01 -3.89 -18.79
N LYS B 61 -17.35 -4.71 -17.80
CA LYS B 61 -16.93 -6.10 -17.58
C LYS B 61 -15.47 -6.24 -17.10
N ASN B 62 -14.72 -5.14 -17.03
CA ASN B 62 -13.31 -5.21 -16.65
C ASN B 62 -13.04 -4.40 -15.39
N TYR B 63 -11.96 -4.76 -14.70
CA TYR B 63 -11.43 -3.92 -13.63
C TYR B 63 -10.59 -2.81 -14.22
N LYS B 64 -10.70 -1.62 -13.66
CA LYS B 64 -10.06 -0.44 -14.23
C LYS B 64 -9.40 0.37 -13.14
N VAL B 65 -8.08 0.33 -13.08
CA VAL B 65 -7.33 1.16 -12.14
C VAL B 65 -6.89 2.41 -12.88
N GLN B 66 -6.97 3.57 -12.23
CA GLN B 66 -6.70 4.82 -12.93
C GLN B 66 -6.00 5.79 -11.99
N VAL B 67 -4.84 6.28 -12.39
CA VAL B 67 -4.06 7.27 -11.66
C VAL B 67 -3.98 8.54 -12.52
N LYS B 68 -4.06 9.70 -11.89
CA LYS B 68 -3.86 10.99 -12.56
C LYS B 68 -2.92 11.87 -11.73
N ILE B 69 -2.06 12.61 -12.43
CA ILE B 69 -1.12 13.53 -11.79
C ILE B 69 -1.25 14.88 -12.46
N GLN B 70 -1.43 15.93 -11.66
CA GLN B 70 -1.55 17.30 -12.15
C GLN B 70 -0.53 18.16 -11.42
N ASN B 71 0.34 18.82 -12.20
CA ASN B 71 1.31 19.79 -11.69
C ASN B 71 1.08 21.15 -12.33
N PRO B 72 0.66 22.19 -11.61
CA PRO B 72 0.69 23.53 -12.19
C PRO B 72 1.98 24.27 -11.89
N THR B 73 2.27 25.29 -12.68
CA THR B 73 3.34 26.22 -12.35
C THR B 73 2.82 27.64 -12.25
N ALA B 74 3.47 28.43 -11.41
CA ALA B 74 3.00 29.76 -11.05
C ALA B 74 4.08 30.80 -11.32
N CYS B 75 3.63 32.04 -11.48
CA CYS B 75 4.51 33.17 -11.74
C CYS B 75 3.82 34.45 -11.30
N THR B 76 4.64 35.43 -10.91
CA THR B 76 4.16 36.75 -10.52
C THR B 76 4.41 37.70 -11.69
N ALA B 77 3.36 38.00 -12.45
CA ALA B 77 3.47 38.77 -13.68
C ALA B 77 3.65 40.26 -13.36
N ASN B 78 3.69 41.06 -14.43
CA ASN B 78 3.89 42.50 -14.31
C ASN B 78 2.63 43.17 -13.81
N GLY B 79 2.77 44.05 -12.82
CA GLY B 79 1.63 44.77 -12.30
C GLY B 79 0.71 43.96 -11.42
N SER B 80 1.12 42.76 -11.01
CA SER B 80 0.30 41.88 -10.20
C SER B 80 1.07 41.47 -8.95
N CYS B 81 0.32 41.16 -7.88
CA CYS B 81 0.90 40.84 -6.59
C CYS B 81 0.93 39.35 -6.30
N ASP B 82 -0.22 38.70 -6.37
CA ASP B 82 -0.30 37.28 -6.12
C ASP B 82 0.02 36.51 -7.39
N PRO B 83 0.61 35.31 -7.27
CA PRO B 83 0.90 34.52 -8.47
C PRO B 83 -0.35 33.87 -9.04
N SER B 84 -0.20 33.35 -10.25
CA SER B 84 -1.29 32.69 -10.92
C SER B 84 -0.74 31.59 -11.81
N VAL B 85 -1.60 30.64 -12.16
CA VAL B 85 -1.13 29.43 -12.83
C VAL B 85 -0.84 29.75 -14.29
N THR B 86 0.42 29.58 -14.68
CA THR B 86 0.82 29.85 -16.05
C THR B 86 0.44 28.68 -16.96
N ARG B 87 0.79 27.46 -16.56
CA ARG B 87 0.52 26.28 -17.37
C ARG B 87 0.47 25.04 -16.48
N GLN B 88 0.02 23.95 -17.08
CA GLN B 88 -0.22 22.68 -16.42
C GLN B 88 0.63 21.58 -17.04
N ALA B 89 0.99 20.59 -16.24
CA ALA B 89 1.64 19.37 -16.71
C ALA B 89 0.86 18.18 -16.20
N TYR B 90 0.38 17.36 -17.12
CA TYR B 90 -0.52 16.26 -16.79
C TYR B 90 0.17 14.92 -16.97
N ALA B 91 -0.41 13.92 -16.33
CA ALA B 91 -0.07 12.52 -16.55
C ALA B 91 -1.30 11.70 -16.21
N ASP B 92 -1.52 10.62 -16.94
CA ASP B 92 -2.73 9.82 -16.76
C ASP B 92 -2.44 8.37 -17.09
N VAL B 93 -2.43 7.50 -16.09
CA VAL B 93 -2.21 6.07 -16.28
C VAL B 93 -3.52 5.35 -16.06
N THR B 94 -3.82 4.38 -16.92
CA THR B 94 -4.94 3.49 -16.68
C THR B 94 -4.58 2.04 -17.02
N PHE B 95 -5.02 1.14 -16.15
CA PHE B 95 -4.82 -0.29 -16.25
C PHE B 95 -6.17 -0.96 -16.41
N SER B 96 -6.27 -1.97 -17.27
CA SER B 96 -7.51 -2.68 -17.50
C SER B 96 -7.24 -4.18 -17.39
N PHE B 97 -7.92 -4.85 -16.47
CA PHE B 97 -7.72 -6.28 -16.22
C PHE B 97 -9.05 -7.00 -16.26
N THR B 98 -8.99 -8.33 -16.22
CA THR B 98 -10.16 -9.18 -16.28
C THR B 98 -10.50 -9.70 -14.88
N GLN B 99 -11.50 -10.57 -14.82
CA GLN B 99 -11.93 -11.17 -13.55
C GLN B 99 -11.12 -12.40 -13.17
N TYR B 100 -10.24 -12.89 -14.04
CA TYR B 100 -9.48 -14.09 -13.73
C TYR B 100 -7.98 -13.83 -13.63
N SER B 101 -7.57 -12.58 -13.64
CA SER B 101 -6.17 -12.24 -13.64
C SER B 101 -5.57 -12.43 -12.26
N THR B 102 -4.49 -13.20 -12.18
CA THR B 102 -3.80 -13.38 -10.92
C THR B 102 -3.01 -12.14 -10.57
N ASP B 103 -2.50 -12.09 -9.34
CA ASP B 103 -1.76 -10.92 -8.89
C ASP B 103 -0.35 -10.86 -9.45
N GLU B 104 0.17 -11.97 -9.97
CA GLU B 104 1.48 -11.94 -10.62
C GLU B 104 1.42 -11.21 -11.94
N GLU B 105 0.33 -11.37 -12.69
CA GLU B 105 0.18 -10.66 -13.95
C GLU B 105 0.08 -9.16 -13.72
N ARG B 106 -0.70 -8.75 -12.72
CA ARG B 106 -0.90 -7.34 -12.44
C ARG B 106 0.35 -6.70 -11.85
N ALA B 107 1.06 -7.42 -10.98
CA ALA B 107 2.32 -6.87 -10.48
C ALA B 107 3.39 -6.85 -11.55
N PHE B 108 3.32 -7.77 -12.52
CA PHE B 108 4.25 -7.72 -13.64
C PHE B 108 4.01 -6.49 -14.50
N VAL B 109 2.74 -6.17 -14.79
CA VAL B 109 2.44 -4.99 -15.60
C VAL B 109 2.86 -3.72 -14.87
N ARG B 110 2.64 -3.65 -13.55
CA ARG B 110 3.02 -2.49 -12.77
C ARG B 110 4.54 -2.29 -12.73
N THR B 111 5.29 -3.34 -12.46
CA THR B 111 6.74 -3.19 -12.40
C THR B 111 7.39 -3.09 -13.77
N GLU B 112 6.74 -3.60 -14.81
CA GLU B 112 7.21 -3.38 -16.17
C GLU B 112 7.09 -1.91 -16.58
N LEU B 113 5.95 -1.29 -16.27
CA LEU B 113 5.80 0.14 -16.56
C LEU B 113 6.75 0.98 -15.71
N ALA B 114 6.94 0.62 -14.45
CA ALA B 114 7.87 1.36 -13.60
C ALA B 114 9.32 1.21 -14.05
N ALA B 115 9.68 0.06 -14.64
CA ALA B 115 11.03 -0.10 -15.18
C ALA B 115 11.19 0.52 -16.56
N LEU B 116 10.10 0.68 -17.31
CA LEU B 116 10.19 1.41 -18.57
C LEU B 116 10.35 2.90 -18.35
N LEU B 117 9.79 3.44 -17.26
CA LEU B 117 9.91 4.88 -17.06
C LEU B 117 11.29 5.34 -16.60
N ALA B 118 12.26 4.44 -16.48
CA ALA B 118 13.64 4.80 -16.21
C ALA B 118 14.59 4.45 -17.36
N SER B 119 14.10 3.79 -18.39
CA SER B 119 14.93 3.42 -19.52
C SER B 119 15.25 4.66 -20.35
N PRO B 120 16.41 4.68 -21.03
CA PRO B 120 16.80 5.89 -21.78
C PRO B 120 15.92 6.19 -22.99
N LEU B 121 15.16 5.21 -23.48
CA LEU B 121 14.20 5.45 -24.56
C LEU B 121 13.13 6.43 -24.13
N LEU B 122 12.52 6.20 -22.96
CA LEU B 122 11.51 7.14 -22.47
C LEU B 122 12.10 8.36 -21.78
N ILE B 123 13.36 8.32 -21.36
CA ILE B 123 14.00 9.53 -20.89
C ILE B 123 14.20 10.50 -22.05
N ASP B 124 14.63 10.00 -23.21
CA ASP B 124 14.76 10.88 -24.35
C ASP B 124 13.42 11.20 -25.00
N ALA B 125 12.41 10.34 -24.84
CA ALA B 125 11.11 10.62 -25.44
C ALA B 125 10.26 11.55 -24.59
N ILE B 126 10.48 11.62 -23.28
CA ILE B 126 9.67 12.46 -22.41
C ILE B 126 10.37 13.77 -22.07
N ASP B 127 11.60 13.70 -21.60
CA ASP B 127 12.28 14.91 -21.15
C ASP B 127 12.72 15.78 -22.31
N GLN B 128 13.16 15.17 -23.40
CA GLN B 128 13.69 15.92 -24.52
C GLN B 128 12.70 16.09 -25.67
N LEU B 129 11.55 15.41 -25.61
CA LEU B 129 10.50 15.45 -26.64
C LEU B 129 11.01 15.00 -28.01
N ASN B 130 11.73 13.89 -28.04
CA ASN B 130 12.24 13.33 -29.28
C ASN B 130 11.58 11.98 -29.54
N PRO B 131 10.98 11.78 -30.71
CA PRO B 131 10.43 10.45 -31.02
C PRO B 131 11.54 9.43 -31.22
N ALA B 132 11.16 8.16 -31.12
CA ALA B 132 12.11 7.06 -31.21
C ALA B 132 12.48 6.85 -32.67
N TYR B 133 13.70 7.20 -33.02
CA TYR B 133 14.17 7.09 -34.39
C TYR B 133 15.66 6.74 -34.42
N ALA C 2 -20.33 4.38 10.30
CA ALA C 2 -18.89 4.50 10.45
C ALA C 2 -18.19 4.26 9.12
N LYS C 3 -16.92 4.65 9.06
CA LYS C 3 -16.15 4.51 7.83
C LYS C 3 -15.70 3.07 7.66
N LEU C 4 -15.76 2.58 6.43
CA LEU C 4 -15.36 1.21 6.12
C LEU C 4 -13.90 0.95 6.44
N GLU C 5 -13.66 -0.13 7.18
CA GLU C 5 -12.33 -0.55 7.59
C GLU C 5 -12.13 -2.02 7.30
N THR C 6 -11.00 -2.59 7.75
CA THR C 6 -10.73 -4.01 7.58
C THR C 6 -11.36 -4.78 8.73
N VAL C 7 -12.31 -5.65 8.42
CA VAL C 7 -13.03 -6.41 9.42
C VAL C 7 -12.40 -7.79 9.51
N THR C 8 -11.87 -8.13 10.68
CA THR C 8 -11.30 -9.46 10.92
C THR C 8 -12.30 -10.26 11.74
N LEU C 9 -12.99 -11.18 11.07
CA LEU C 9 -13.90 -12.11 11.72
C LEU C 9 -13.10 -13.32 12.18
N GLY C 10 -13.11 -13.58 13.49
CA GLY C 10 -12.40 -14.72 14.02
C GLY C 10 -13.34 -15.83 14.48
N ASN C 11 -12.80 -17.06 14.53
CA ASN C 11 -13.47 -18.27 15.05
C ASN C 11 -14.75 -18.59 14.28
N ILE C 12 -14.56 -18.90 13.00
CA ILE C 12 -15.64 -19.30 12.12
C ILE C 12 -15.42 -20.79 11.82
N GLY C 13 -16.38 -21.40 11.11
CA GLY C 13 -16.28 -22.79 10.74
C GLY C 13 -17.02 -23.68 11.71
N LYS C 14 -17.11 -24.96 11.34
CA LYS C 14 -17.80 -25.92 12.18
C LYS C 14 -17.01 -26.20 13.45
N ASP C 15 -15.69 -26.36 13.32
CA ASP C 15 -14.85 -26.57 14.50
C ASP C 15 -14.68 -25.28 15.29
N GLY C 16 -14.55 -24.15 14.61
CA GLY C 16 -14.44 -22.88 15.28
C GLY C 16 -13.02 -22.36 15.39
N LYS C 17 -12.25 -22.51 14.32
CA LYS C 17 -10.87 -22.04 14.28
C LYS C 17 -10.50 -21.28 13.03
N GLN C 18 -11.25 -21.41 11.94
CA GLN C 18 -10.96 -20.66 10.74
C GLN C 18 -11.36 -19.19 10.92
N THR C 19 -10.63 -18.30 10.26
CA THR C 19 -10.93 -16.88 10.29
C THR C 19 -11.18 -16.37 8.89
N LEU C 20 -11.59 -15.10 8.82
CA LEU C 20 -11.85 -14.39 7.59
C LEU C 20 -11.38 -12.96 7.81
N VAL C 21 -10.67 -12.39 6.84
CA VAL C 21 -10.24 -11.00 6.92
C VAL C 21 -10.76 -10.29 5.67
N LEU C 22 -11.62 -9.30 5.88
CA LEU C 22 -12.30 -8.61 4.78
C LEU C 22 -11.76 -7.20 4.67
N ASN C 23 -11.39 -6.80 3.46
CA ASN C 23 -10.91 -5.51 3.02
C ASN C 23 -12.04 -4.73 2.35
N PRO C 24 -12.07 -3.40 2.56
CA PRO C 24 -13.12 -2.59 1.94
C PRO C 24 -12.98 -2.52 0.43
N ARG C 25 -14.11 -2.35 -0.26
CA ARG C 25 -14.10 -2.22 -1.72
C ARG C 25 -14.88 -1.00 -2.20
N GLY C 26 -15.21 -0.08 -1.30
CA GLY C 26 -15.78 1.18 -1.70
C GLY C 26 -17.28 1.10 -1.94
N VAL C 27 -17.91 2.26 -1.91
CA VAL C 27 -19.36 2.36 -1.89
C VAL C 27 -19.85 2.68 -3.30
N ASN C 28 -20.81 1.89 -3.76
CA ASN C 28 -21.47 2.12 -5.03
C ASN C 28 -22.27 3.41 -4.96
N PRO C 29 -22.02 4.39 -5.84
CA PRO C 29 -22.73 5.67 -5.71
C PRO C 29 -24.21 5.60 -6.08
N THR C 30 -24.58 4.69 -6.98
CA THR C 30 -25.93 4.71 -7.53
C THR C 30 -26.98 4.20 -6.54
N ASN C 31 -26.60 3.31 -5.63
CA ASN C 31 -27.54 2.78 -4.66
C ASN C 31 -27.04 2.81 -3.22
N GLY C 32 -25.80 3.22 -2.99
CA GLY C 32 -25.31 3.32 -1.63
C GLY C 32 -24.98 2.03 -0.95
N VAL C 33 -24.53 1.02 -1.69
CA VAL C 33 -24.23 -0.30 -1.13
C VAL C 33 -22.73 -0.43 -0.94
N ALA C 34 -22.32 -0.71 0.28
CA ALA C 34 -20.91 -0.88 0.61
C ALA C 34 -20.50 -2.33 0.44
N SER C 35 -19.21 -2.55 0.19
CA SER C 35 -18.68 -3.87 -0.12
C SER C 35 -17.44 -4.16 0.68
N LEU C 36 -17.28 -5.43 1.05
CA LEU C 36 -16.04 -5.92 1.64
C LEU C 36 -15.77 -7.27 1.00
N SER C 37 -14.49 -7.61 0.91
CA SER C 37 -14.11 -8.80 0.17
C SER C 37 -12.79 -9.32 0.70
N GLN C 38 -12.54 -10.60 0.44
CA GLN C 38 -11.36 -11.27 0.97
C GLN C 38 -10.17 -11.06 0.03
N ALA C 39 -8.97 -11.01 0.61
CA ALA C 39 -7.76 -11.02 -0.19
C ALA C 39 -7.55 -12.37 -0.86
N GLY C 40 -6.77 -12.36 -1.92
CA GLY C 40 -6.48 -13.56 -2.68
C GLY C 40 -6.54 -13.21 -4.15
N ALA C 41 -5.75 -13.94 -4.95
CA ALA C 41 -5.74 -13.71 -6.37
C ALA C 41 -7.00 -14.27 -7.02
N VAL C 42 -7.14 -13.99 -8.31
CA VAL C 42 -8.32 -14.28 -9.15
C VAL C 42 -9.56 -13.68 -8.50
N PRO C 43 -9.83 -12.37 -8.72
CA PRO C 43 -10.97 -11.68 -8.07
C PRO C 43 -12.35 -12.31 -8.21
N ALA C 44 -12.56 -13.19 -9.18
CA ALA C 44 -13.84 -13.85 -9.32
C ALA C 44 -14.07 -14.92 -8.25
N LEU C 45 -13.01 -15.43 -7.63
CA LEU C 45 -13.11 -16.47 -6.63
C LEU C 45 -13.01 -15.93 -5.21
N GLU C 46 -13.41 -14.69 -5.00
CA GLU C 46 -13.33 -14.08 -3.68
C GLU C 46 -14.67 -14.17 -2.97
N LYS C 47 -14.60 -14.19 -1.64
CA LYS C 47 -15.78 -14.15 -0.81
C LYS C 47 -16.22 -12.71 -0.64
N ARG C 48 -17.52 -12.47 -0.68
CA ARG C 48 -18.02 -11.11 -0.72
C ARG C 48 -19.08 -10.89 0.35
N VAL C 49 -19.09 -9.69 0.91
CA VAL C 49 -20.14 -9.23 1.82
C VAL C 49 -20.55 -7.83 1.38
N THR C 50 -21.85 -7.60 1.21
CA THR C 50 -22.35 -6.26 0.95
C THR C 50 -23.28 -5.84 2.07
N VAL C 51 -23.34 -4.54 2.33
CA VAL C 51 -24.16 -3.98 3.39
C VAL C 51 -24.78 -2.67 2.89
N SER C 52 -26.02 -2.41 3.29
CA SER C 52 -26.81 -1.35 2.66
C SER C 52 -27.89 -0.87 3.61
N VAL C 53 -27.78 0.38 4.08
CA VAL C 53 -28.76 0.99 4.96
C VAL C 53 -29.50 2.06 4.16
N SER C 54 -30.81 2.14 4.35
CA SER C 54 -31.58 3.23 3.76
C SER C 54 -31.14 4.57 4.32
N GLN C 55 -30.97 5.53 3.43
CA GLN C 55 -30.31 6.78 3.74
C GLN C 55 -31.23 7.66 4.58
N PRO C 56 -30.74 8.29 5.65
CA PRO C 56 -31.64 9.02 6.56
C PRO C 56 -32.18 10.30 5.93
N SER C 57 -33.50 10.42 5.95
CA SER C 57 -34.21 11.58 5.43
C SER C 57 -35.22 12.05 6.48
N ARG C 58 -35.75 13.25 6.27
CA ARG C 58 -36.70 13.82 7.21
C ARG C 58 -38.07 13.17 7.09
N ASN C 59 -38.39 12.61 5.92
CA ASN C 59 -39.71 12.06 5.64
C ASN C 59 -39.67 10.56 5.35
N ARG C 60 -38.76 9.83 6.00
CA ARG C 60 -38.67 8.39 5.79
C ARG C 60 -39.51 7.66 6.83
N LYS C 61 -40.44 6.84 6.36
CA LYS C 61 -41.33 6.09 7.23
C LYS C 61 -40.71 4.78 7.71
N ASN C 62 -39.90 4.13 6.88
CA ASN C 62 -39.33 2.84 7.22
C ASN C 62 -37.85 2.82 6.86
N TYR C 63 -37.01 2.54 7.86
CA TYR C 63 -35.60 2.28 7.63
C TYR C 63 -35.38 0.80 7.37
N LYS C 64 -34.50 0.51 6.42
CA LYS C 64 -34.24 -0.87 6.02
C LYS C 64 -32.73 -1.09 5.91
N VAL C 65 -32.26 -2.13 6.59
CA VAL C 65 -30.84 -2.50 6.61
C VAL C 65 -30.74 -3.84 5.89
N GLN C 66 -29.66 -4.07 5.16
CA GLN C 66 -29.57 -5.28 4.36
C GLN C 66 -28.13 -5.74 4.21
N VAL C 67 -27.92 -7.04 4.31
CA VAL C 67 -26.59 -7.66 4.27
C VAL C 67 -26.65 -8.86 3.32
N LYS C 68 -25.67 -8.99 2.44
CA LYS C 68 -25.62 -10.13 1.52
C LYS C 68 -24.22 -10.74 1.54
N ILE C 69 -24.12 -11.93 2.10
CA ILE C 69 -22.92 -12.75 2.02
C ILE C 69 -23.02 -13.62 0.76
N GLN C 70 -21.91 -13.79 0.04
CA GLN C 70 -21.84 -14.88 -0.92
C GLN C 70 -20.44 -15.49 -0.94
N ASN C 71 -20.40 -16.81 -1.13
CA ASN C 71 -19.17 -17.60 -1.13
C ASN C 71 -19.14 -18.49 -2.37
N PRO C 72 -18.19 -18.32 -3.27
CA PRO C 72 -18.06 -19.28 -4.38
C PRO C 72 -17.07 -20.39 -4.07
N THR C 73 -17.24 -21.52 -4.77
CA THR C 73 -16.26 -22.60 -4.69
C THR C 73 -15.67 -22.89 -6.05
N ALA C 74 -14.35 -23.11 -6.08
CA ALA C 74 -13.60 -23.24 -7.31
C ALA C 74 -13.44 -24.69 -7.71
N CYS C 75 -13.35 -24.92 -9.02
CA CYS C 75 -13.00 -26.23 -9.57
C CYS C 75 -12.00 -26.04 -10.70
N THR C 76 -10.79 -26.55 -10.51
CA THR C 76 -9.82 -26.63 -11.59
C THR C 76 -10.21 -27.81 -12.47
N ALA C 77 -10.85 -27.51 -13.60
CA ALA C 77 -11.44 -28.55 -14.44
C ALA C 77 -10.36 -29.32 -15.20
N ASN C 78 -10.70 -30.56 -15.56
CA ASN C 78 -9.80 -31.41 -16.32
C ASN C 78 -9.72 -30.94 -17.77
N GLY C 79 -8.74 -30.10 -18.08
CA GLY C 79 -8.55 -29.63 -19.43
C GLY C 79 -8.71 -28.14 -19.63
N SER C 80 -8.40 -27.35 -18.59
CA SER C 80 -8.48 -25.91 -18.69
C SER C 80 -7.47 -25.27 -17.74
N CYS C 81 -7.06 -24.06 -18.06
CA CYS C 81 -6.09 -23.33 -17.25
C CYS C 81 -6.76 -22.55 -16.11
N ASP C 82 -7.85 -21.86 -16.42
CA ASP C 82 -8.53 -21.04 -15.42
C ASP C 82 -9.45 -21.91 -14.56
N PRO C 83 -9.50 -21.67 -13.26
CA PRO C 83 -10.55 -22.28 -12.44
C PRO C 83 -11.86 -21.52 -12.59
N SER C 84 -12.96 -22.25 -12.59
CA SER C 84 -14.27 -21.64 -12.72
C SER C 84 -15.03 -21.76 -11.40
N VAL C 85 -16.21 -21.16 -11.37
CA VAL C 85 -17.07 -21.18 -10.21
C VAL C 85 -18.07 -22.31 -10.38
N THR C 86 -17.96 -23.33 -9.54
CA THR C 86 -18.96 -24.40 -9.55
C THR C 86 -20.28 -23.92 -8.98
N ARG C 87 -20.26 -23.47 -7.72
CA ARG C 87 -21.50 -23.16 -7.03
C ARG C 87 -21.28 -22.05 -6.02
N GLN C 88 -22.39 -21.42 -5.65
CA GLN C 88 -22.46 -20.27 -4.78
C GLN C 88 -23.27 -20.62 -3.54
N ALA C 89 -22.77 -20.26 -2.37
CA ALA C 89 -23.56 -20.21 -1.16
C ALA C 89 -23.94 -18.77 -0.91
N TYR C 90 -25.23 -18.50 -0.79
CA TYR C 90 -25.72 -17.15 -0.53
C TYR C 90 -26.24 -17.02 0.89
N ALA C 91 -26.34 -15.77 1.33
CA ALA C 91 -27.11 -15.42 2.51
C ALA C 91 -27.58 -13.98 2.37
N ASP C 92 -28.87 -13.75 2.51
CA ASP C 92 -29.47 -12.42 2.45
C ASP C 92 -30.16 -12.16 3.77
N VAL C 93 -29.71 -11.16 4.51
CA VAL C 93 -30.28 -10.77 5.78
C VAL C 93 -30.90 -9.38 5.61
N THR C 94 -32.13 -9.20 6.10
CA THR C 94 -32.79 -7.92 6.03
C THR C 94 -33.41 -7.55 7.37
N PHE C 95 -33.30 -6.27 7.71
CA PHE C 95 -33.84 -5.69 8.94
C PHE C 95 -34.75 -4.54 8.55
N SER C 96 -35.85 -4.38 9.27
CA SER C 96 -36.87 -3.37 8.93
C SER C 96 -37.37 -2.70 10.19
N PHE C 97 -37.10 -1.40 10.34
CA PHE C 97 -37.48 -0.65 11.54
C PHE C 97 -38.26 0.59 11.13
N THR C 98 -39.03 1.14 12.05
CA THR C 98 -39.77 2.37 11.77
C THR C 98 -39.01 3.57 12.32
N GLN C 99 -39.56 4.77 12.09
CA GLN C 99 -38.90 6.00 12.48
C GLN C 99 -39.08 6.32 13.96
N TYR C 100 -40.08 5.75 14.62
CA TYR C 100 -40.28 5.95 16.05
C TYR C 100 -39.69 4.85 16.90
N SER C 101 -39.04 3.86 16.28
CA SER C 101 -38.37 2.81 17.03
C SER C 101 -37.16 3.35 17.79
N THR C 102 -36.78 2.64 18.83
CA THR C 102 -35.68 3.09 19.68
C THR C 102 -34.43 2.27 19.40
N ASP C 103 -33.37 2.56 20.15
CA ASP C 103 -32.09 1.91 19.92
C ASP C 103 -32.07 0.52 20.52
N GLU C 104 -32.74 0.32 21.65
CA GLU C 104 -32.70 -0.97 22.31
C GLU C 104 -33.54 -2.00 21.58
N GLU C 105 -34.59 -1.58 20.86
CA GLU C 105 -35.35 -2.51 20.03
C GLU C 105 -34.49 -3.05 18.89
N ARG C 106 -33.74 -2.16 18.24
CA ARG C 106 -32.91 -2.56 17.12
C ARG C 106 -31.73 -3.43 17.58
N ALA C 107 -31.13 -3.06 18.71
CA ALA C 107 -30.07 -3.88 19.29
C ALA C 107 -30.60 -5.24 19.75
N PHE C 108 -31.85 -5.29 20.22
CA PHE C 108 -32.43 -6.53 20.66
C PHE C 108 -32.69 -7.47 19.49
N VAL C 109 -33.17 -6.94 18.37
CA VAL C 109 -33.40 -7.77 17.19
C VAL C 109 -32.06 -8.28 16.64
N ARG C 110 -31.03 -7.43 16.65
CA ARG C 110 -29.71 -7.84 16.18
C ARG C 110 -29.13 -8.97 17.03
N THR C 111 -29.07 -8.78 18.34
CA THR C 111 -28.47 -9.79 19.19
C THR C 111 -29.34 -11.03 19.32
N GLU C 112 -30.65 -10.90 19.10
CA GLU C 112 -31.51 -12.06 19.06
C GLU C 112 -31.20 -12.93 17.85
N LEU C 113 -30.99 -12.31 16.69
CA LEU C 113 -30.67 -13.12 15.52
C LEU C 113 -29.27 -13.72 15.63
N ALA C 114 -28.32 -12.95 16.17
CA ALA C 114 -26.97 -13.46 16.35
C ALA C 114 -26.92 -14.59 17.37
N ALA C 115 -27.81 -14.60 18.36
CA ALA C 115 -27.86 -15.70 19.31
C ALA C 115 -28.72 -16.86 18.86
N LEU C 116 -29.65 -16.64 17.93
CA LEU C 116 -30.35 -17.76 17.29
C LEU C 116 -29.44 -18.53 16.37
N LEU C 117 -28.54 -17.84 15.66
CA LEU C 117 -27.68 -18.55 14.71
C LEU C 117 -26.60 -19.39 15.36
N ALA C 118 -26.46 -19.39 16.69
CA ALA C 118 -25.51 -20.25 17.39
C ALA C 118 -26.21 -21.24 18.31
N SER C 119 -27.48 -21.49 18.10
CA SER C 119 -28.34 -22.38 18.84
C SER C 119 -28.50 -23.70 18.11
N PRO C 120 -28.78 -24.82 18.80
CA PRO C 120 -28.94 -26.10 18.10
C PRO C 120 -30.11 -26.17 17.14
N LEU C 121 -31.13 -25.34 17.32
CA LEU C 121 -32.26 -25.28 16.39
C LEU C 121 -31.83 -24.84 14.99
N LEU C 122 -30.79 -24.01 14.89
CA LEU C 122 -30.33 -23.56 13.60
C LEU C 122 -29.00 -24.17 13.15
N ILE C 123 -28.16 -24.62 14.07
CA ILE C 123 -26.99 -25.37 13.61
C ILE C 123 -27.36 -26.81 13.29
N ASP C 124 -28.59 -27.22 13.61
CA ASP C 124 -29.12 -28.45 13.06
C ASP C 124 -29.84 -28.23 11.74
N ALA C 125 -30.46 -27.07 11.55
CA ALA C 125 -31.27 -26.82 10.37
C ALA C 125 -30.49 -26.26 9.20
N ILE C 126 -29.32 -25.68 9.42
CA ILE C 126 -28.51 -25.14 8.33
C ILE C 126 -27.36 -26.06 7.99
N ASP C 127 -26.64 -26.54 9.01
CA ASP C 127 -25.51 -27.42 8.76
C ASP C 127 -25.95 -28.78 8.23
N GLN C 128 -27.12 -29.25 8.66
CA GLN C 128 -27.61 -30.57 8.29
C GLN C 128 -28.85 -30.55 7.40
N LEU C 129 -29.49 -29.38 7.24
CA LEU C 129 -30.70 -29.18 6.42
C LEU C 129 -31.88 -30.01 6.91
N ASN C 130 -32.04 -30.11 8.23
CA ASN C 130 -33.15 -30.82 8.83
C ASN C 130 -34.24 -29.84 9.20
N PRO C 131 -35.47 -30.00 8.74
CA PRO C 131 -36.55 -29.11 9.19
C PRO C 131 -36.90 -29.40 10.64
N ALA C 132 -37.43 -28.38 11.31
CA ALA C 132 -37.91 -28.54 12.67
C ALA C 132 -39.29 -29.16 12.63
N TYR C 133 -39.46 -30.29 13.31
CA TYR C 133 -40.74 -30.99 13.31
C TYR C 133 -41.30 -31.11 14.71
N GLU D 4 22.53 14.69 17.14
CA GLU D 4 22.48 15.53 18.32
C GLU D 4 21.06 15.63 18.86
N VAL D 5 20.24 14.64 18.52
CA VAL D 5 18.83 14.60 18.93
C VAL D 5 18.68 13.54 20.01
N GLN D 6 18.10 13.93 21.14
CA GLN D 6 17.92 13.04 22.28
C GLN D 6 16.47 13.07 22.75
N LEU D 7 16.14 12.09 23.59
CA LEU D 7 14.81 11.95 24.17
C LEU D 7 14.96 11.85 25.68
N GLN D 8 14.41 12.84 26.40
CA GLN D 8 14.81 13.10 27.79
C GLN D 8 13.72 12.76 28.80
N GLU D 9 12.52 13.33 28.67
CA GLU D 9 11.49 13.17 29.69
C GLU D 9 10.95 11.75 29.70
N SER D 10 10.69 11.23 30.90
CA SER D 10 10.29 9.84 31.09
C SER D 10 8.90 9.70 31.71
N GLY D 11 8.65 10.34 32.84
CA GLY D 11 7.44 10.10 33.60
C GLY D 11 7.64 9.07 34.70
N GLY D 12 7.83 7.81 34.31
CA GLY D 12 8.11 6.76 35.26
C GLY D 12 6.87 6.28 36.01
N GLY D 13 7.03 5.15 36.69
CA GLY D 13 5.96 4.59 37.50
C GLY D 13 5.98 3.08 37.61
N LEU D 14 5.59 2.56 38.77
CA LEU D 14 5.47 1.12 39.03
C LEU D 14 4.03 0.88 39.48
N VAL D 15 3.14 0.70 38.50
CA VAL D 15 1.70 0.73 38.74
C VAL D 15 1.18 -0.68 38.89
N GLN D 16 0.56 -0.97 40.03
CA GLN D 16 -0.09 -2.25 40.26
C GLN D 16 -1.27 -2.41 39.32
N PRO D 17 -1.63 -3.65 38.93
CA PRO D 17 -2.67 -3.84 37.92
C PRO D 17 -4.05 -3.42 38.42
N GLY D 18 -4.78 -2.73 37.55
CA GLY D 18 -5.99 -2.04 37.91
C GLY D 18 -5.84 -0.54 38.02
N GLY D 19 -4.61 -0.03 37.94
CA GLY D 19 -4.36 1.40 38.00
C GLY D 19 -4.11 2.00 36.64
N SER D 20 -3.53 3.20 36.65
CA SER D 20 -3.27 3.96 35.43
C SER D 20 -1.88 4.59 35.51
N LEU D 21 -1.39 5.03 34.35
CA LEU D 21 -0.09 5.68 34.26
C LEU D 21 -0.03 6.51 32.99
N SER D 22 0.61 7.67 33.08
CA SER D 22 0.82 8.56 31.94
C SER D 22 2.30 8.87 31.83
N LEU D 23 2.82 8.84 30.60
CA LEU D 23 4.25 9.02 30.33
C LEU D 23 4.46 10.19 29.35
N SER D 24 5.71 10.45 29.03
CA SER D 24 6.05 11.54 28.11
C SER D 24 7.41 11.28 27.47
N CYS D 25 7.73 12.12 26.48
CA CYS D 25 9.05 12.20 25.88
C CYS D 25 9.33 13.65 25.52
N ALA D 26 10.61 13.97 25.36
CA ALA D 26 11.05 15.32 25.01
C ALA D 26 11.92 15.24 23.76
N ALA D 27 11.47 15.85 22.68
CA ALA D 27 12.04 15.62 21.36
C ALA D 27 12.51 16.92 20.71
N SER D 28 13.31 17.69 21.45
CA SER D 28 13.73 19.02 21.02
C SER D 28 14.62 18.94 19.78
N GLY D 29 14.13 19.50 18.68
CA GLY D 29 14.85 19.56 17.41
C GLY D 29 14.03 18.98 16.27
N PHE D 30 14.71 18.82 15.13
CA PHE D 30 14.24 18.18 13.88
C PHE D 30 12.86 18.65 13.39
N THR D 31 12.50 19.92 13.69
CA THR D 31 11.22 20.59 13.40
C THR D 31 10.01 19.69 13.67
N PHE D 32 9.81 19.38 14.96
CA PHE D 32 8.98 18.33 15.55
C PHE D 32 7.62 18.06 14.90
N THR D 33 6.97 19.09 14.39
CA THR D 33 5.60 19.00 13.93
C THR D 33 5.44 18.45 12.51
N ASP D 34 6.47 17.80 11.94
CA ASP D 34 6.38 17.28 10.58
C ASP D 34 6.48 15.76 10.50
N TYR D 35 6.66 15.06 11.61
CA TYR D 35 6.91 13.64 11.59
C TYR D 35 5.94 12.90 12.49
N TYR D 36 5.54 11.70 12.08
CA TYR D 36 4.69 10.89 12.94
C TYR D 36 5.50 10.39 14.12
N MET D 37 4.80 10.09 15.22
CA MET D 37 5.46 9.68 16.46
C MET D 37 4.86 8.36 16.92
N SER D 38 5.70 7.34 17.04
CA SER D 38 5.26 6.00 17.42
C SER D 38 5.76 5.64 18.81
N TRP D 39 5.14 4.60 19.36
CA TRP D 39 5.55 3.98 20.62
C TRP D 39 5.88 2.51 20.35
N VAL D 40 7.07 2.09 20.78
CA VAL D 40 7.54 0.73 20.59
C VAL D 40 7.86 0.16 21.97
N ARG D 41 7.41 -1.06 22.24
CA ARG D 41 7.75 -1.74 23.49
C ARG D 41 8.36 -3.10 23.21
N GLN D 42 9.20 -3.54 24.14
CA GLN D 42 9.84 -4.85 24.06
C GLN D 42 9.54 -5.65 25.31
N PRO D 43 8.72 -6.70 25.23
CA PRO D 43 8.61 -7.61 26.37
C PRO D 43 9.91 -8.36 26.57
N PRO D 44 10.20 -8.79 27.80
CA PRO D 44 11.42 -9.58 28.05
C PRO D 44 11.29 -10.97 27.44
N GLY D 45 12.32 -11.39 26.72
CA GLY D 45 12.24 -12.65 26.02
C GLY D 45 12.16 -12.53 24.51
N LYS D 46 10.95 -12.71 23.97
CA LYS D 46 10.73 -13.02 22.56
C LYS D 46 11.18 -11.95 21.56
N ALA D 47 10.52 -10.79 21.54
CA ALA D 47 10.72 -9.82 20.48
C ALA D 47 10.20 -8.46 20.94
N LEU D 48 10.06 -7.54 19.99
CA LEU D 48 9.50 -6.23 20.23
C LEU D 48 8.07 -6.15 19.73
N GLU D 49 7.30 -5.25 20.33
CA GLU D 49 5.93 -5.00 19.93
C GLU D 49 5.77 -3.53 19.53
N TRP D 50 4.77 -3.28 18.69
CA TRP D 50 4.44 -1.95 18.23
C TRP D 50 3.11 -1.52 18.82
N LEU D 51 3.04 -0.28 19.31
CA LEU D 51 1.86 0.19 20.03
C LEU D 51 0.94 1.03 19.15
N GLY D 52 1.46 2.13 18.60
CA GLY D 52 0.64 3.00 17.77
C GLY D 52 1.32 4.30 17.41
N PHE D 53 0.79 5.01 16.41
CA PHE D 53 1.38 6.26 15.94
C PHE D 53 0.35 7.38 15.97
N ILE D 54 0.81 8.60 15.73
CA ILE D 54 -0.04 9.79 15.70
C ILE D 54 0.45 10.71 14.59
N ARG D 55 -0.50 11.36 13.90
CA ARG D 55 -0.24 12.10 12.68
C ARG D 55 0.11 13.55 13.01
N ILE D 56 0.14 14.43 12.01
CA ILE D 56 0.75 15.74 12.25
C ILE D 56 -0.16 16.96 12.08
N LYS D 57 -0.45 17.37 10.82
CA LYS D 57 -1.33 18.48 10.38
C LYS D 57 -1.42 19.71 11.28
N ALA D 58 -0.29 20.11 11.90
CA ALA D 58 -0.18 21.20 12.88
C ALA D 58 -1.16 21.06 14.06
N ASN D 59 -1.64 19.87 14.37
CA ASN D 59 -2.70 19.66 15.35
C ASN D 59 -2.79 18.19 15.71
N SER D 60 -2.96 17.91 16.99
CA SER D 60 -3.27 16.56 17.45
C SER D 60 -4.68 16.21 17.01
N TYR D 61 -4.83 15.45 15.93
CA TYR D 61 -6.15 15.31 15.33
C TYR D 61 -6.56 13.85 15.09
N THR D 62 -5.60 12.97 14.80
CA THR D 62 -5.94 11.58 14.47
C THR D 62 -4.77 10.67 14.82
N THR D 63 -5.06 9.57 15.52
CA THR D 63 -4.07 8.58 15.87
C THR D 63 -4.63 7.17 15.64
N GLU D 64 -3.73 6.21 15.50
CA GLU D 64 -4.08 4.81 15.29
C GLU D 64 -3.27 3.93 16.22
N TYR D 65 -3.86 2.78 16.58
CA TYR D 65 -3.28 1.88 17.56
C TYR D 65 -3.30 0.45 17.03
N SER D 66 -2.45 -0.39 17.59
CA SER D 66 -2.45 -1.80 17.23
C SER D 66 -3.62 -2.50 17.92
N ALA D 67 -3.91 -3.72 17.45
CA ALA D 67 -5.07 -4.45 17.94
C ALA D 67 -4.87 -4.99 19.35
N SER D 68 -3.63 -5.08 19.83
CA SER D 68 -3.39 -5.55 21.19
C SER D 68 -3.85 -4.52 22.23
N VAL D 69 -3.67 -3.23 21.92
CA VAL D 69 -4.07 -2.14 22.81
C VAL D 69 -4.96 -1.19 22.02
N LYS D 70 -6.26 -1.46 22.02
CA LYS D 70 -7.23 -0.64 21.30
C LYS D 70 -8.42 -0.41 22.21
N GLY D 71 -8.62 0.85 22.60
CA GLY D 71 -9.57 1.19 23.63
C GLY D 71 -9.00 1.24 25.02
N ARG D 72 -7.77 0.77 25.20
CA ARG D 72 -7.10 0.82 26.49
C ARG D 72 -6.12 1.97 26.60
N PHE D 73 -5.32 2.22 25.56
CA PHE D 73 -4.27 3.23 25.63
C PHE D 73 -4.67 4.43 24.77
N THR D 74 -4.22 5.61 25.20
CA THR D 74 -4.42 6.85 24.45
C THR D 74 -3.09 7.59 24.36
N ILE D 75 -2.76 8.10 23.17
CA ILE D 75 -1.57 8.92 22.99
C ILE D 75 -1.99 10.30 22.50
N SER D 76 -1.16 11.29 22.80
CA SER D 76 -1.52 12.67 22.51
C SER D 76 -0.29 13.47 22.13
N ARG D 77 -0.41 14.25 21.06
CA ARG D 77 0.66 15.12 20.59
C ARG D 77 0.44 16.52 21.16
N ASP D 78 1.24 16.88 22.17
CA ASP D 78 1.25 18.24 22.68
C ASP D 78 2.28 19.03 21.88
N ASN D 79 1.82 20.10 21.23
CA ASN D 79 2.64 20.90 20.34
C ASN D 79 3.22 22.13 21.03
N SER D 80 3.52 22.03 22.34
CA SER D 80 4.16 23.12 23.05
C SER D 80 5.55 23.39 22.49
N GLN D 81 6.48 22.47 22.73
CA GLN D 81 7.64 22.32 21.86
C GLN D 81 7.77 20.88 21.34
N SER D 82 7.83 19.88 22.24
CA SER D 82 7.85 18.47 21.84
C SER D 82 7.46 17.65 23.07
N ILE D 83 6.20 17.22 23.14
CA ILE D 83 5.72 16.41 24.26
C ILE D 83 4.82 15.32 23.70
N LEU D 84 5.13 14.07 24.03
CA LEU D 84 4.25 12.95 23.75
C LEU D 84 3.52 12.51 25.03
N TYR D 85 2.57 11.60 24.86
CA TYR D 85 1.83 11.07 25.99
C TYR D 85 1.50 9.61 25.72
N LEU D 86 1.47 8.82 26.80
CA LEU D 86 1.13 7.41 26.73
C LEU D 86 0.24 7.04 27.93
N GLN D 87 -0.89 7.74 28.07
CA GLN D 87 -1.84 7.42 29.14
C GLN D 87 -2.37 6.01 29.01
N MET D 88 -2.21 5.21 30.07
CA MET D 88 -2.47 3.77 30.03
C MET D 88 -3.42 3.37 31.14
N ASN D 89 -3.98 2.16 31.00
CA ASN D 89 -4.96 1.64 31.93
C ASN D 89 -4.80 0.13 32.06
N ALA D 90 -4.89 -0.37 33.30
CA ALA D 90 -4.87 -1.79 33.66
C ALA D 90 -3.59 -2.48 33.18
N LEU D 91 -2.48 -2.06 33.78
CA LEU D 91 -1.16 -2.36 33.21
C LEU D 91 -0.70 -3.81 33.46
N ARG D 92 -0.40 -4.17 34.71
CA ARG D 92 0.42 -5.36 34.96
C ARG D 92 -0.41 -6.64 34.83
N ALA D 93 -0.79 -6.93 33.60
CA ALA D 93 -1.27 -8.24 33.18
C ALA D 93 -0.34 -8.86 32.15
N GLU D 94 0.00 -8.12 31.09
CA GLU D 94 1.08 -8.49 30.19
C GLU D 94 1.89 -7.28 29.72
N ASP D 95 1.79 -6.14 30.40
CA ASP D 95 2.39 -4.90 29.95
C ASP D 95 3.74 -4.63 30.59
N SER D 96 4.46 -5.66 31.01
CA SER D 96 5.81 -5.50 31.54
C SER D 96 6.77 -5.40 30.37
N ALA D 97 7.31 -4.20 30.13
CA ALA D 97 8.17 -3.97 28.97
C ALA D 97 9.02 -2.74 29.23
N THR D 98 9.90 -2.45 28.28
CA THR D 98 10.65 -1.20 28.22
C THR D 98 10.10 -0.38 27.05
N TYR D 99 9.80 0.88 27.31
CA TYR D 99 9.01 1.69 26.38
C TYR D 99 9.92 2.63 25.60
N TYR D 100 9.75 2.61 24.27
CA TYR D 100 10.55 3.43 23.35
C TYR D 100 9.61 4.33 22.56
N CYS D 101 9.85 5.63 22.61
CA CYS D 101 9.24 6.57 21.68
C CYS D 101 10.21 6.80 20.52
N ALA D 102 9.68 6.78 19.30
CA ALA D 102 10.53 6.80 18.12
C ALA D 102 9.93 7.72 17.05
N ARG D 103 10.78 8.55 16.47
CA ARG D 103 10.36 9.38 15.35
C ARG D 103 10.20 8.51 14.11
N SER D 104 9.14 8.78 13.33
CA SER D 104 8.70 7.89 12.26
C SER D 104 8.69 8.60 10.90
N PRO D 105 9.80 8.56 10.15
CA PRO D 105 9.79 9.08 8.79
C PRO D 105 9.21 8.09 7.79
N ASP D 106 9.29 8.41 6.51
CA ASP D 106 8.93 7.46 5.47
C ASP D 106 9.83 7.58 4.24
N TYR D 107 9.64 6.64 3.33
CA TYR D 107 10.24 6.63 2.01
C TYR D 107 9.27 5.90 1.13
N TYR D 108 8.67 6.61 0.16
CA TYR D 108 7.64 6.11 -0.75
C TYR D 108 6.39 5.62 -0.01
N GLY D 109 6.13 6.16 1.18
CA GLY D 109 4.98 5.73 1.97
C GLY D 109 5.24 4.55 2.89
N GLY D 110 6.49 4.21 3.15
CA GLY D 110 6.81 3.11 4.05
C GLY D 110 7.49 3.56 5.33
N TYR D 111 6.90 3.25 6.47
CA TYR D 111 7.28 3.87 7.73
C TYR D 111 8.40 3.10 8.41
N TYR D 112 9.46 3.82 8.76
CA TYR D 112 10.58 3.30 9.54
C TYR D 112 10.78 4.23 10.72
N PHE D 113 11.78 3.94 11.57
CA PHE D 113 11.97 4.66 12.83
C PHE D 113 13.45 4.99 12.97
N ASP D 114 13.84 6.22 12.64
CA ASP D 114 15.26 6.52 12.56
C ASP D 114 15.86 6.89 13.91
N TYR D 115 15.19 7.75 14.68
CA TYR D 115 15.68 8.15 15.98
C TYR D 115 14.90 7.44 17.07
N TRP D 116 15.62 6.86 18.03
CA TRP D 116 15.05 6.08 19.12
C TRP D 116 15.37 6.74 20.45
N GLY D 117 14.74 6.23 21.50
CA GLY D 117 15.03 6.69 22.84
C GLY D 117 14.37 5.84 23.91
N GLN D 118 15.16 5.45 24.92
CA GLN D 118 14.67 4.72 26.06
C GLN D 118 14.30 5.71 27.16
N VAL D 119 13.11 5.57 27.73
CA VAL D 119 12.59 6.50 28.72
C VAL D 119 12.16 5.81 30.01
N THR D 120 11.34 4.76 29.91
CA THR D 120 10.76 4.13 31.08
C THR D 120 10.81 2.61 30.94
N THR D 121 10.39 1.94 32.01
CA THR D 121 10.14 0.51 32.01
C THR D 121 9.01 0.23 32.99
N LEU D 122 8.30 -0.87 32.75
CA LEU D 122 7.13 -1.21 33.54
C LEU D 122 6.92 -2.72 33.51
N ILE E 5 1.50 -9.96 8.85
CA ILE E 5 2.85 -10.32 8.40
C ILE E 5 3.65 -10.85 9.58
N GLN E 6 4.28 -12.01 9.40
CA GLN E 6 5.13 -12.61 10.42
C GLN E 6 6.55 -12.66 9.88
N MET E 7 7.44 -11.89 10.49
CA MET E 7 8.84 -11.84 10.07
C MET E 7 9.60 -12.93 10.81
N THR E 8 9.69 -14.11 10.21
CA THR E 8 10.40 -15.23 10.81
C THR E 8 11.89 -15.14 10.50
N GLN E 9 12.71 -15.46 11.49
CA GLN E 9 14.16 -15.50 11.33
C GLN E 9 14.64 -16.89 11.71
N THR E 10 15.57 -17.43 10.92
CA THR E 10 15.83 -18.87 10.91
C THR E 10 16.88 -19.29 11.94
N THR E 11 18.09 -18.73 11.85
CA THR E 11 19.21 -19.28 12.61
C THR E 11 19.15 -18.92 14.10
N SER E 12 18.59 -17.76 14.45
CA SER E 12 18.25 -17.28 15.79
C SER E 12 19.47 -17.02 16.69
N SER E 13 20.69 -17.34 16.25
CA SER E 13 21.92 -17.10 17.00
C SER E 13 23.07 -17.18 16.02
N LEU E 14 23.79 -16.08 15.85
CA LEU E 14 24.93 -16.03 14.93
C LEU E 14 26.20 -16.13 15.77
N SER E 15 26.99 -17.16 15.51
CA SER E 15 28.12 -17.48 16.36
C SER E 15 29.43 -16.85 15.91
N ALA E 16 29.51 -16.34 14.68
CA ALA E 16 30.75 -15.79 14.16
C ALA E 16 31.08 -14.47 14.84
N SER E 17 32.36 -14.26 15.13
CA SER E 17 32.78 -13.09 15.88
C SER E 17 34.02 -12.38 15.34
N LEU E 18 34.65 -12.90 14.28
CA LEU E 18 35.84 -12.26 13.73
C LEU E 18 35.79 -12.31 12.21
N GLY E 19 36.56 -11.41 11.60
CA GLY E 19 36.96 -11.55 10.21
C GLY E 19 35.90 -11.43 9.14
N ASP E 20 35.56 -12.57 8.53
CA ASP E 20 34.77 -12.63 7.30
C ASP E 20 33.34 -12.17 7.55
N ARG E 21 32.65 -11.84 6.45
CA ARG E 21 31.30 -11.31 6.50
C ARG E 21 30.31 -12.34 7.06
N VAL E 22 29.24 -11.82 7.64
CA VAL E 22 28.18 -12.64 8.23
C VAL E 22 26.88 -12.32 7.52
N THR E 23 26.00 -13.31 7.44
CA THR E 23 24.74 -13.19 6.72
C THR E 23 23.60 -13.52 7.67
N ILE E 24 22.70 -12.56 7.86
CA ILE E 24 21.53 -12.72 8.71
C ILE E 24 20.30 -12.48 7.84
N THR E 25 19.39 -13.45 7.82
CA THR E 25 18.28 -13.46 6.89
C THR E 25 16.96 -13.31 7.63
N CYS E 26 15.94 -12.87 6.88
CA CYS E 26 14.58 -12.79 7.35
C CYS E 26 13.65 -13.38 6.29
N ARG E 27 12.43 -13.73 6.71
CA ARG E 27 11.41 -14.24 5.81
C ARG E 27 10.08 -13.61 6.17
N ALA E 28 9.37 -13.11 5.18
CA ALA E 28 8.01 -12.61 5.35
C ALA E 28 7.02 -13.65 4.86
N SER E 29 5.81 -13.61 5.44
CA SER E 29 4.77 -14.55 5.02
C SER E 29 4.25 -14.19 3.62
N GLN E 30 3.97 -12.91 3.40
CA GLN E 30 3.58 -12.38 2.11
C GLN E 30 4.82 -11.78 1.43
N VAL E 31 4.62 -11.08 0.32
CA VAL E 31 5.67 -10.31 -0.32
C VAL E 31 5.49 -8.86 0.12
N ILE E 32 6.61 -8.19 0.44
CA ILE E 32 6.54 -6.86 1.03
C ILE E 32 7.22 -5.78 0.19
N SER E 33 7.78 -6.14 -0.97
CA SER E 33 8.16 -5.20 -2.05
C SER E 33 9.23 -4.21 -1.60
N ASN E 34 10.31 -4.74 -1.02
CA ASN E 34 11.50 -4.02 -0.53
C ASN E 34 11.20 -3.03 0.58
N TYR E 35 10.07 -3.12 1.27
CA TYR E 35 9.79 -2.24 2.41
C TYR E 35 10.19 -2.91 3.72
N LEU E 36 11.47 -3.25 3.81
CA LEU E 36 12.02 -3.96 4.94
C LEU E 36 13.12 -3.12 5.59
N ASN E 37 13.15 -3.14 6.92
CA ASN E 37 14.00 -2.28 7.73
C ASN E 37 14.95 -3.14 8.56
N TRP E 38 15.96 -2.50 9.14
CA TRP E 38 16.93 -3.20 9.98
C TRP E 38 17.27 -2.36 11.20
N TYR E 39 17.46 -3.03 12.34
CA TYR E 39 17.71 -2.34 13.58
C TYR E 39 18.79 -3.06 14.38
N GLN E 40 19.35 -2.34 15.35
CA GLN E 40 20.45 -2.82 16.19
C GLN E 40 20.19 -2.39 17.63
N GLN E 41 19.97 -3.34 18.52
CA GLN E 41 19.73 -3.04 19.94
C GLN E 41 20.97 -3.44 20.74
N LYS E 42 21.77 -2.44 21.12
CA LYS E 42 22.91 -2.66 21.99
C LYS E 42 22.44 -3.08 23.38
N PRO E 43 23.26 -3.83 24.13
CA PRO E 43 22.87 -4.21 25.50
C PRO E 43 22.84 -3.06 26.50
N ASP E 44 23.34 -1.88 26.15
CA ASP E 44 23.13 -0.71 26.99
C ASP E 44 21.66 -0.29 26.96
N GLY E 45 20.96 -0.59 25.86
CA GLY E 45 19.55 -0.31 25.72
C GLY E 45 19.20 0.52 24.51
N THR E 46 20.17 1.16 23.88
CA THR E 46 19.90 2.01 22.74
C THR E 46 19.61 1.18 21.49
N VAL E 47 18.78 1.75 20.62
CA VAL E 47 18.37 1.10 19.37
C VAL E 47 18.75 2.04 18.23
N LYS E 48 19.33 1.50 17.17
CA LYS E 48 19.78 2.29 16.03
C LYS E 48 19.11 1.80 14.74
N LEU E 49 18.81 2.74 13.86
CA LEU E 49 18.33 2.43 12.52
C LEU E 49 19.52 2.34 11.58
N LEU E 50 19.56 1.27 10.79
CA LEU E 50 20.68 1.08 9.87
C LEU E 50 20.26 1.21 8.40
N ILE E 51 19.29 0.42 7.97
CA ILE E 51 18.90 0.28 6.58
C ILE E 51 17.38 0.38 6.51
N TYR E 52 16.85 1.17 5.56
CA TYR E 52 15.40 1.34 5.52
C TYR E 52 14.73 0.93 4.22
N TYR E 53 15.35 1.08 3.06
CA TYR E 53 14.72 0.60 1.83
C TYR E 53 15.47 -0.61 1.28
N THR E 54 15.98 -1.47 2.17
CA THR E 54 16.70 -2.74 1.99
C THR E 54 18.09 -2.54 1.42
N SER E 55 18.45 -1.35 0.95
CA SER E 55 19.80 -1.10 0.47
C SER E 55 20.28 0.31 0.76
N ARG E 56 19.59 1.07 1.63
CA ARG E 56 19.86 2.49 1.82
C ARG E 56 20.21 2.74 3.27
N LEU E 57 21.41 3.27 3.50
CA LEU E 57 21.95 3.40 4.84
C LEU E 57 21.43 4.67 5.52
N HIS E 58 21.48 4.65 6.85
CA HIS E 58 21.26 5.83 7.66
C HIS E 58 22.55 6.67 7.69
N SER E 59 22.44 7.92 8.15
CA SER E 59 23.52 8.89 8.01
C SER E 59 24.73 8.62 8.89
N GLY E 60 24.64 7.70 9.85
CA GLY E 60 25.76 7.42 10.72
C GLY E 60 26.24 5.98 10.64
N VAL E 61 26.24 5.41 9.44
CA VAL E 61 26.61 4.02 9.21
C VAL E 61 27.86 4.01 8.34
N PRO E 62 28.93 3.31 8.74
CA PRO E 62 30.21 3.42 8.01
C PRO E 62 30.34 2.51 6.79
N SER E 63 29.21 2.01 6.28
CA SER E 63 29.09 1.10 5.14
C SER E 63 29.77 -0.24 5.37
N ARG E 64 30.06 -0.60 6.62
CA ARG E 64 30.32 -1.99 6.93
C ARG E 64 29.04 -2.82 6.85
N PHE E 65 27.90 -2.19 7.15
CA PHE E 65 26.60 -2.81 7.02
C PHE E 65 26.08 -2.58 5.61
N SER E 66 25.49 -3.62 5.02
CA SER E 66 24.91 -3.53 3.70
C SER E 66 23.81 -4.58 3.56
N GLY E 67 22.70 -4.19 2.96
CA GLY E 67 21.58 -5.09 2.81
C GLY E 67 21.27 -5.42 1.37
N SER E 68 20.54 -6.49 1.15
CA SER E 68 20.15 -6.92 -0.19
C SER E 68 18.86 -7.73 -0.09
N GLY E 69 18.54 -8.43 -1.15
CA GLY E 69 17.39 -9.32 -1.13
C GLY E 69 16.13 -8.64 -1.62
N SER E 70 15.24 -9.45 -2.18
CA SER E 70 13.98 -8.98 -2.72
C SER E 70 12.94 -10.08 -2.56
N GLY E 71 11.68 -9.73 -2.83
CA GLY E 71 10.59 -10.68 -2.67
C GLY E 71 10.23 -10.86 -1.20
N THR E 72 10.56 -12.03 -0.65
CA THR E 72 10.37 -12.31 0.77
C THR E 72 11.67 -12.47 1.53
N ASP E 73 12.72 -12.97 0.88
CA ASP E 73 13.98 -13.26 1.55
C ASP E 73 14.89 -12.05 1.46
N TYR E 74 15.19 -11.45 2.61
CA TYR E 74 16.07 -10.29 2.71
C TYR E 74 17.27 -10.67 3.57
N SER E 75 18.31 -9.84 3.51
CA SER E 75 19.57 -10.18 4.14
C SER E 75 20.35 -8.93 4.50
N LEU E 76 21.36 -9.11 5.35
CA LEU E 76 22.26 -8.05 5.77
C LEU E 76 23.66 -8.64 5.92
N THR E 77 24.65 -7.97 5.33
CA THR E 77 26.04 -8.39 5.38
C THR E 77 26.87 -7.41 6.20
N ILE E 78 27.83 -7.93 6.96
CA ILE E 78 28.73 -7.11 7.78
C ILE E 78 30.16 -7.50 7.39
N SER E 79 30.73 -6.76 6.45
CA SER E 79 32.14 -6.97 6.12
C SER E 79 33.01 -6.24 7.13
N ASN E 80 34.11 -6.88 7.52
CA ASN E 80 35.10 -6.38 8.48
C ASN E 80 34.45 -6.08 9.84
N LEU E 81 33.99 -7.17 10.46
CA LEU E 81 33.31 -7.08 11.75
C LEU E 81 34.26 -6.59 12.84
N GLU E 82 33.73 -5.83 13.78
CA GLU E 82 34.50 -5.29 14.90
C GLU E 82 33.77 -5.57 16.21
N GLN E 83 34.43 -5.19 17.32
CA GLN E 83 33.92 -5.49 18.65
C GLN E 83 32.80 -4.55 19.10
N GLU E 84 32.52 -3.48 18.35
CA GLU E 84 31.39 -2.62 18.63
C GLU E 84 30.14 -3.04 17.86
N ASP E 85 30.25 -4.06 17.00
CA ASP E 85 29.16 -4.51 16.15
C ASP E 85 28.53 -5.81 16.65
N ILE E 86 28.41 -5.97 17.97
CA ILE E 86 27.81 -7.15 18.57
C ILE E 86 26.58 -6.72 19.36
N ALA E 87 25.42 -7.22 18.93
CA ALA E 87 24.13 -6.82 19.48
C ALA E 87 23.09 -7.86 19.07
N THR E 88 21.83 -7.52 19.24
CA THR E 88 20.72 -8.30 18.72
C THR E 88 20.09 -7.50 17.58
N TYR E 89 19.89 -8.15 16.44
CA TYR E 89 19.43 -7.48 15.23
C TYR E 89 17.97 -7.84 14.97
N PHE E 90 17.16 -6.83 14.64
CA PHE E 90 15.75 -7.00 14.36
C PHE E 90 15.44 -6.45 12.98
N CYS E 91 14.65 -7.20 12.22
CA CYS E 91 14.13 -6.72 10.94
C CYS E 91 12.62 -6.56 11.04
N GLN E 92 12.10 -5.55 10.36
CA GLN E 92 10.66 -5.34 10.37
C GLN E 92 10.21 -4.66 9.08
N GLN E 93 8.99 -4.97 8.69
CA GLN E 93 8.43 -4.51 7.43
C GLN E 93 7.66 -3.21 7.61
N GLY E 94 7.69 -2.37 6.59
CA GLY E 94 7.01 -1.10 6.62
C GLY E 94 5.89 -1.01 5.59
N ASN E 95 5.46 -2.16 5.08
CA ASN E 95 4.50 -2.18 3.99
C ASN E 95 3.07 -1.99 4.50
N THR E 96 2.70 -2.68 5.57
CA THR E 96 1.32 -2.82 5.99
C THR E 96 1.13 -2.16 7.36
N LEU E 97 -0.09 -1.71 7.63
CA LEU E 97 -0.38 -0.91 8.82
C LEU E 97 -0.17 -1.57 10.20
N PRO E 98 -0.26 -2.89 10.40
CA PRO E 98 0.12 -3.41 11.73
C PRO E 98 1.58 -3.27 12.11
N TYR E 99 2.52 -3.30 11.16
CA TYR E 99 3.96 -3.11 11.36
C TYR E 99 4.54 -4.08 12.41
N THR E 100 4.43 -5.37 12.12
CA THR E 100 4.98 -6.37 13.01
C THR E 100 6.50 -6.40 12.91
N PHE E 101 7.16 -6.75 14.00
CA PHE E 101 8.61 -6.80 13.99
C PHE E 101 9.06 -8.26 13.88
N GLY E 102 10.38 -8.46 13.83
CA GLY E 102 10.95 -9.79 13.70
C GLY E 102 11.34 -10.38 15.05
N GLY E 103 11.88 -11.59 14.97
CA GLY E 103 12.27 -12.33 16.17
C GLY E 103 13.51 -11.79 16.85
N GLY E 104 14.65 -11.85 16.16
CA GLY E 104 15.89 -11.36 16.72
C GLY E 104 17.02 -12.37 16.66
N THR E 105 18.17 -11.97 16.13
CA THR E 105 19.36 -12.81 16.06
C THR E 105 20.46 -12.16 16.90
N LYS E 106 20.95 -12.89 17.90
CA LYS E 106 21.93 -12.38 18.85
C LYS E 106 23.33 -12.74 18.39
N LEU E 107 24.17 -11.73 18.23
CA LEU E 107 25.55 -11.93 17.77
C LEU E 107 26.42 -12.54 18.86
#